data_2HS4
#
_entry.id   2HS4
#
_cell.length_a   58.356
_cell.length_b   71.469
_cell.length_c   138.332
_cell.angle_alpha   90.00
_cell.angle_beta   90.00
_cell.angle_gamma   90.00
#
_symmetry.space_group_name_H-M   'P 21 21 21'
#
loop_
_entity.id
_entity.type
_entity.pdbx_description
1 polymer 'Phosphoribosylformylglycinamidine synthase II'
2 non-polymer 'MAGNESIUM ION'
3 non-polymer 'PHOSPHATE ION'
4 non-polymer 'PHOSPHOMETHYLPHOSPHONIC ACID ADENYLATE ESTER'
5 non-polymer N-(N-FORMYLGLYCYL)-5-O-PHOSPHONO-BETA-D-RIBOFURANOSYLAMINE
6 water water
#
_entity_poly.entity_id   1
_entity_poly.type   'polypeptide(L)'
_entity_poly.pdbx_seq_one_letter_code
;MKLRYLNILKEKLGREPTFVELQAFSVMWSEHCGYSHTKKYIRRLPKTGFEGNAGVVNLDDYYSVAFKIESHNHPSAIEP
YNGAATGVGGIIRDVLAMGARPTAIFDSLHMSRIIDGIIEGIADYGNSIGVPTVGGELRISSLYAHNPLVNVLAAGVVRN
DMLVDSKASRPGQVIVIFGGATGRDGIHGASFASEDLTGDKATKLSIQVGDPFAEKMLIEAFLEMVEEGLVEGAQDLGAG
GVLSATSELVAKGNLGAIVHLDRVPLREPDMEPWEILISESQERMAVVTSPQKASRILEIARKHLLFGDVVAEVIEEPVY
RVMYRNDLVMEVPVQLLANAPEEDIVEYTPGKIPEFKRVEFEEVNAREVFEQYDHMVGTDTVVPPGFGAAVMRIKRDGGY
SLVTHSRADLALQDTYWGTLIAVLESVRKTLSVGAEPLAITNCVNYGDPDVDPVGLSAMMTALKNACEFSGVPVASGNAS
LYNTYQGKPIPPTLVVGMLGKVNPQKVAKPKPSKVFAVGWNDFELEREKELWRAIRKLSEEGAFILSSSQLLTRTHVETF
REYGLKIEVKLPEVRPAHQMVLVFSERTPVVDVPVKEIGTLSR
;
_entity_poly.pdbx_strand_id   A
#
# COMPACT_ATOMS: atom_id res chain seq x y z
N LYS A 2 4.45 16.26 19.72
CA LYS A 2 5.90 16.60 19.60
C LYS A 2 6.58 16.97 20.93
N LEU A 3 6.29 18.16 21.48
CA LEU A 3 6.87 18.58 22.76
C LEU A 3 6.38 17.72 23.90
N ARG A 4 5.15 17.22 23.79
CA ARG A 4 4.60 16.37 24.83
C ARG A 4 5.49 15.13 24.84
N TYR A 5 5.99 14.78 23.66
CA TYR A 5 6.86 13.62 23.50
C TYR A 5 8.30 13.87 23.99
N LEU A 6 8.81 15.08 23.80
CA LEU A 6 10.15 15.43 24.24
C LEU A 6 10.33 15.22 25.75
N ASN A 7 9.29 15.54 26.52
CA ASN A 7 9.33 15.36 27.96
C ASN A 7 9.44 13.88 28.29
N ILE A 8 8.58 13.08 27.64
CA ILE A 8 8.59 11.65 27.85
C ILE A 8 9.98 11.12 27.53
N LEU A 9 10.60 11.63 26.46
CA LEU A 9 11.94 11.18 26.12
C LEU A 9 12.92 11.58 27.22
N LYS A 10 12.82 12.82 27.70
CA LYS A 10 13.73 13.27 28.76
C LYS A 10 13.58 12.43 30.02
N GLU A 11 12.36 12.06 30.37
CA GLU A 11 12.14 11.25 31.56
C GLU A 11 12.79 9.87 31.41
N LYS A 12 12.55 9.24 30.27
CA LYS A 12 13.11 7.91 29.97
C LYS A 12 14.64 7.93 29.87
N LEU A 13 15.19 8.93 29.17
CA LEU A 13 16.63 9.04 29.01
C LEU A 13 17.34 9.46 30.29
N GLY A 14 16.59 10.01 31.23
CA GLY A 14 17.18 10.44 32.49
C GLY A 14 17.99 11.70 32.36
N ARG A 15 17.85 12.39 31.22
CA ARG A 15 18.57 13.64 30.96
C ARG A 15 18.20 14.17 29.58
N GLU A 16 18.81 15.29 29.19
CA GLU A 16 18.54 15.89 27.89
C GLU A 16 19.36 15.23 26.79
N PRO A 17 18.70 14.89 25.67
CA PRO A 17 19.27 14.24 24.50
C PRO A 17 20.35 15.04 23.78
N THR A 18 21.27 14.33 23.15
CA THR A 18 22.34 14.96 22.40
C THR A 18 21.77 15.33 21.04
N PHE A 19 22.55 16.06 20.24
CA PHE A 19 22.09 16.45 18.92
C PHE A 19 21.57 15.28 18.08
N VAL A 20 22.35 14.21 18.03
CA VAL A 20 22.02 13.04 17.25
C VAL A 20 20.88 12.24 17.87
N GLU A 21 20.76 12.30 19.19
CA GLU A 21 19.69 11.59 19.85
C GLU A 21 18.38 12.26 19.45
N LEU A 22 18.39 13.59 19.39
CA LEU A 22 17.22 14.34 18.97
C LEU A 22 16.83 14.00 17.55
N GLN A 23 17.79 14.13 16.64
CA GLN A 23 17.56 13.83 15.23
C GLN A 23 16.93 12.45 15.05
N ALA A 24 17.53 11.45 15.69
CA ALA A 24 17.08 10.07 15.62
C ALA A 24 15.65 9.84 16.09
N PHE A 25 15.32 10.32 17.29
CA PHE A 25 13.97 10.14 17.80
C PHE A 25 12.97 10.99 17.06
N SER A 26 13.44 12.10 16.48
CA SER A 26 12.57 12.98 15.72
C SER A 26 12.04 12.20 14.53
N VAL A 27 12.76 11.16 14.14
CA VAL A 27 12.37 10.31 13.02
C VAL A 27 11.50 9.15 13.52
N MET A 28 12.05 8.36 14.43
CA MET A 28 11.38 7.19 14.98
C MET A 28 10.08 7.46 15.73
N TRP A 29 9.96 8.64 16.34
CA TRP A 29 8.76 8.98 17.09
C TRP A 29 7.84 9.90 16.29
N SER A 30 8.19 10.12 15.02
CA SER A 30 7.36 10.95 14.15
C SER A 30 6.15 10.08 13.82
N GLU A 31 5.00 10.70 13.58
CA GLU A 31 3.80 9.93 13.28
C GLU A 31 4.04 8.93 12.13
N HIS A 32 4.82 9.32 11.15
CA HIS A 32 5.09 8.43 10.03
C HIS A 32 5.76 7.12 10.44
N CYS A 33 6.72 7.19 11.35
CA CYS A 33 7.42 6.00 11.79
C CYS A 33 6.89 5.40 13.10
N GLY A 34 6.38 6.27 13.97
CA GLY A 34 5.86 5.85 15.26
C GLY A 34 4.40 5.40 15.34
N TYR A 35 3.52 6.00 14.54
CA TYR A 35 2.10 5.63 14.53
C TYR A 35 1.42 5.81 15.88
N SER A 36 1.78 6.89 16.60
CA SER A 36 1.20 7.16 17.91
C SER A 36 -0.32 7.15 17.98
N HIS A 37 -0.95 7.77 16.99
CA HIS A 37 -2.40 7.88 16.95
C HIS A 37 -3.19 6.69 16.45
N THR A 38 -2.55 5.83 15.65
CA THR A 38 -3.23 4.66 15.09
C THR A 38 -2.88 3.29 15.69
N LYS A 39 -1.78 3.21 16.45
CA LYS A 39 -1.34 1.96 17.04
C LYS A 39 -2.42 1.13 17.72
N LYS A 40 -3.20 1.75 18.61
CA LYS A 40 -4.25 1.01 19.29
C LYS A 40 -5.37 0.56 18.37
N TYR A 41 -5.77 1.42 17.43
CA TYR A 41 -6.85 1.07 16.51
C TYR A 41 -6.48 -0.13 15.67
N ILE A 42 -5.30 -0.06 15.05
CA ILE A 42 -4.79 -1.12 14.20
C ILE A 42 -4.75 -2.46 14.93
N ARG A 43 -4.50 -2.40 16.24
CA ARG A 43 -4.43 -3.60 17.05
C ARG A 43 -5.81 -4.23 17.15
N ARG A 44 -6.84 -3.40 17.23
CA ARG A 44 -8.23 -3.87 17.31
C ARG A 44 -8.72 -4.51 16.01
N LEU A 45 -7.93 -4.41 14.95
CA LEU A 45 -8.31 -4.98 13.65
C LEU A 45 -7.96 -6.46 13.55
N PRO A 46 -8.81 -7.26 12.85
CA PRO A 46 -8.55 -8.69 12.69
C PRO A 46 -7.43 -8.87 11.66
N LYS A 47 -6.43 -9.70 11.98
CA LYS A 47 -5.31 -9.92 11.06
C LYS A 47 -5.29 -11.31 10.46
N THR A 48 -4.29 -11.55 9.62
CA THR A 48 -4.05 -12.82 8.94
C THR A 48 -2.76 -12.75 8.14
N GLY A 49 -2.28 -13.92 7.71
CA GLY A 49 -1.07 -13.99 6.93
C GLY A 49 0.16 -13.39 7.58
N PHE A 50 1.30 -14.05 7.37
CA PHE A 50 2.56 -13.58 7.94
C PHE A 50 2.72 -12.10 7.64
N GLU A 51 2.68 -11.28 8.67
CA GLU A 51 2.81 -9.85 8.50
C GLU A 51 4.24 -9.38 8.79
N GLY A 52 4.98 -9.13 7.72
CA GLY A 52 6.35 -8.66 7.82
C GLY A 52 6.54 -7.58 6.78
N ASN A 53 6.23 -6.34 7.14
CA ASN A 53 6.32 -5.18 6.27
C ASN A 53 5.81 -5.45 4.85
N ALA A 54 4.82 -6.34 4.73
CA ALA A 54 4.22 -6.70 3.46
C ALA A 54 2.91 -7.47 3.63
N GLY A 55 2.95 -8.55 4.42
CA GLY A 55 1.75 -9.34 4.61
C GLY A 55 1.59 -10.33 3.48
N VAL A 56 1.84 -11.60 3.76
CA VAL A 56 1.72 -12.63 2.73
C VAL A 56 0.56 -13.55 3.04
N VAL A 57 -0.11 -14.02 1.99
CA VAL A 57 -1.25 -14.89 2.13
C VAL A 57 -1.08 -16.12 1.23
N ASN A 58 -1.23 -17.29 1.83
CA ASN A 58 -1.08 -18.56 1.12
C ASN A 58 -2.21 -18.74 0.09
N LEU A 59 -1.85 -19.26 -1.08
CA LEU A 59 -2.86 -19.47 -2.13
C LEU A 59 -3.13 -20.94 -2.40
N ASP A 60 -2.06 -21.72 -2.57
CA ASP A 60 -2.18 -23.13 -2.89
C ASP A 60 -1.23 -23.99 -2.05
N ASP A 61 -0.70 -23.43 -0.98
CA ASP A 61 0.23 -24.12 -0.11
C ASP A 61 1.64 -24.16 -0.69
N TYR A 62 1.76 -24.01 -2.01
CA TYR A 62 3.07 -24.01 -2.65
C TYR A 62 3.50 -22.59 -2.92
N TYR A 63 2.51 -21.71 -3.07
CA TYR A 63 2.77 -20.31 -3.34
C TYR A 63 1.87 -19.40 -2.51
N SER A 64 2.38 -18.20 -2.22
CA SER A 64 1.61 -17.22 -1.47
C SER A 64 1.83 -15.87 -2.14
N VAL A 65 0.85 -14.98 -2.00
CA VAL A 65 0.98 -13.64 -2.58
C VAL A 65 1.32 -12.64 -1.48
N ALA A 66 2.33 -11.81 -1.74
CA ALA A 66 2.74 -10.79 -0.81
C ALA A 66 2.20 -9.49 -1.40
N PHE A 67 1.29 -8.83 -0.69
CA PHE A 67 0.73 -7.59 -1.17
C PHE A 67 0.65 -6.58 -0.03
N LYS A 68 0.89 -5.31 -0.35
CA LYS A 68 0.89 -4.23 0.62
C LYS A 68 0.64 -2.89 -0.06
N ILE A 69 0.01 -1.96 0.64
CA ILE A 69 -0.23 -0.65 0.07
C ILE A 69 0.36 0.43 0.97
N GLU A 70 1.12 1.33 0.35
CA GLU A 70 1.73 2.44 1.06
C GLU A 70 1.33 3.68 0.29
N SER A 71 1.83 4.83 0.73
CA SER A 71 1.49 6.07 0.07
C SER A 71 2.67 7.01 0.09
N HIS A 72 2.61 8.03 -0.74
CA HIS A 72 3.64 9.05 -0.84
C HIS A 72 2.90 10.37 -1.10
N ASN A 73 2.09 10.76 -0.13
CA ASN A 73 1.30 11.96 -0.23
C ASN A 73 2.06 13.26 -0.08
N HIS A 74 2.66 13.51 1.09
CA HIS A 74 3.38 14.77 1.29
C HIS A 74 4.45 15.01 0.21
N PRO A 75 5.23 13.99 -0.14
CA PRO A 75 6.26 14.19 -1.17
C PRO A 75 5.68 14.62 -2.51
N SER A 76 4.57 14.00 -2.90
CA SER A 76 3.93 14.28 -4.19
C SER A 76 3.26 15.63 -4.32
N ALA A 77 2.94 16.27 -3.20
CA ALA A 77 2.31 17.58 -3.28
C ALA A 77 3.37 18.63 -3.67
N ILE A 78 4.63 18.36 -3.32
CA ILE A 78 5.71 19.27 -3.63
C ILE A 78 6.52 18.91 -4.87
N GLU A 79 6.68 17.62 -5.17
CA GLU A 79 7.41 17.19 -6.37
C GLU A 79 6.69 15.99 -6.98
N PRO A 80 5.57 16.24 -7.67
CA PRO A 80 4.78 15.18 -8.31
C PRO A 80 5.54 14.07 -9.03
N TYR A 81 6.47 14.41 -9.89
CA TYR A 81 7.19 13.36 -10.61
C TYR A 81 7.96 12.43 -9.70
N ASN A 82 8.95 12.99 -8.99
CA ASN A 82 9.80 12.20 -8.08
C ASN A 82 9.11 11.64 -6.85
N GLY A 83 8.03 12.28 -6.43
CA GLY A 83 7.29 11.81 -5.28
C GLY A 83 6.49 10.55 -5.59
N ALA A 84 5.94 10.47 -6.80
CA ALA A 84 5.17 9.30 -7.18
C ALA A 84 6.12 8.11 -7.48
N ALA A 85 7.10 8.36 -8.34
CA ALA A 85 8.06 7.34 -8.72
C ALA A 85 8.60 6.67 -7.47
N THR A 86 9.23 7.46 -6.63
CA THR A 86 9.82 6.98 -5.40
C THR A 86 8.80 6.18 -4.57
N GLY A 87 7.54 6.59 -4.60
CA GLY A 87 6.49 5.87 -3.88
C GLY A 87 6.44 4.44 -4.38
N VAL A 88 6.51 4.30 -5.70
CA VAL A 88 6.51 2.98 -6.34
C VAL A 88 7.78 2.25 -5.91
N GLY A 89 8.92 2.94 -6.03
CA GLY A 89 10.18 2.34 -5.65
C GLY A 89 10.13 1.73 -4.26
N GLY A 90 9.60 2.50 -3.31
CA GLY A 90 9.50 2.03 -1.93
C GLY A 90 8.56 0.86 -1.67
N ILE A 91 7.36 0.89 -2.25
CA ILE A 91 6.41 -0.21 -2.03
C ILE A 91 6.89 -1.51 -2.67
N ILE A 92 7.68 -1.39 -3.73
CA ILE A 92 8.23 -2.56 -4.42
C ILE A 92 9.30 -3.19 -3.53
N ARG A 93 10.07 -2.35 -2.84
CA ARG A 93 11.10 -2.86 -1.94
C ARG A 93 10.46 -3.61 -0.76
N ASP A 94 9.26 -3.19 -0.34
CA ASP A 94 8.56 -3.84 0.76
C ASP A 94 8.12 -5.25 0.38
N VAL A 95 7.54 -5.39 -0.80
CA VAL A 95 7.09 -6.68 -1.29
C VAL A 95 8.29 -7.59 -1.61
N LEU A 96 9.35 -7.00 -2.15
CA LEU A 96 10.56 -7.74 -2.47
C LEU A 96 11.24 -8.24 -1.19
N ALA A 97 11.12 -7.44 -0.12
CA ALA A 97 11.73 -7.76 1.18
C ALA A 97 11.12 -8.96 1.89
N MET A 98 10.18 -9.61 1.22
CA MET A 98 9.53 -10.79 1.78
C MET A 98 9.98 -12.04 1.05
N GLY A 99 10.82 -11.84 0.04
CA GLY A 99 11.32 -12.94 -0.75
C GLY A 99 10.44 -13.10 -1.98
N ALA A 100 9.52 -12.15 -2.16
CA ALA A 100 8.57 -12.18 -3.27
C ALA A 100 9.10 -11.54 -4.54
N ARG A 101 8.59 -12.03 -5.67
CA ARG A 101 8.95 -11.53 -7.00
C ARG A 101 7.86 -10.52 -7.37
N PRO A 102 8.20 -9.23 -7.44
CA PRO A 102 7.22 -8.20 -7.80
C PRO A 102 6.51 -8.53 -9.12
N THR A 103 5.19 -8.77 -9.07
CA THR A 103 4.43 -9.15 -10.26
C THR A 103 3.31 -8.19 -10.67
N ALA A 104 2.98 -7.22 -9.82
CA ALA A 104 1.91 -6.30 -10.19
C ALA A 104 1.85 -5.04 -9.35
N ILE A 105 1.63 -3.92 -10.04
CA ILE A 105 1.52 -2.60 -9.44
C ILE A 105 0.09 -2.16 -9.73
N PHE A 106 -0.50 -1.44 -8.77
CA PHE A 106 -1.87 -0.95 -8.86
C PHE A 106 -1.83 0.46 -8.28
N ASP A 107 -2.34 1.43 -9.02
CA ASP A 107 -2.34 2.82 -8.53
C ASP A 107 -3.69 3.32 -8.05
N SER A 108 -3.69 4.29 -7.15
CA SER A 108 -4.93 4.86 -6.64
C SER A 108 -4.71 6.36 -6.47
N LEU A 109 -5.06 7.14 -7.50
CA LEU A 109 -4.84 8.57 -7.44
C LEU A 109 -6.05 9.41 -7.08
N HIS A 110 -5.80 10.47 -6.32
CA HIS A 110 -6.84 11.38 -5.89
C HIS A 110 -6.30 12.79 -6.09
N MET A 111 -6.70 13.41 -7.20
CA MET A 111 -6.24 14.74 -7.56
C MET A 111 -7.38 15.69 -7.97
N SER A 112 -7.05 16.99 -8.07
CA SER A 112 -8.02 18.02 -8.47
C SER A 112 -7.96 18.29 -9.97
N ARG A 113 -7.02 17.62 -10.63
CA ARG A 113 -6.81 17.72 -12.07
C ARG A 113 -5.87 16.57 -12.42
N ILE A 114 -5.59 16.34 -13.70
CA ILE A 114 -4.67 15.27 -14.06
C ILE A 114 -3.23 15.79 -14.05
N ILE A 115 -2.54 15.52 -12.96
CA ILE A 115 -1.17 15.96 -12.83
C ILE A 115 -0.33 14.98 -13.59
N ASP A 116 0.16 15.40 -14.75
CA ASP A 116 0.98 14.53 -15.60
C ASP A 116 2.12 13.90 -14.83
N GLY A 117 2.87 14.74 -14.10
CA GLY A 117 4.01 14.28 -13.34
C GLY A 117 3.83 13.00 -12.55
N ILE A 118 2.71 12.93 -11.83
CA ILE A 118 2.39 11.79 -11.00
C ILE A 118 2.16 10.58 -11.87
N ILE A 119 1.39 10.76 -12.94
CA ILE A 119 1.11 9.67 -13.85
C ILE A 119 2.40 9.11 -14.43
N GLU A 120 3.22 10.00 -14.96
CA GLU A 120 4.46 9.57 -15.59
C GLU A 120 5.47 9.00 -14.60
N GLY A 121 5.64 9.67 -13.45
CA GLY A 121 6.59 9.21 -12.45
C GLY A 121 6.38 7.75 -12.15
N ILE A 122 5.12 7.37 -12.02
CA ILE A 122 4.75 6.00 -11.75
C ILE A 122 4.97 5.09 -12.96
N ALA A 123 4.42 5.49 -14.10
CA ALA A 123 4.56 4.72 -15.33
C ALA A 123 6.04 4.50 -15.68
N ASP A 124 6.84 5.56 -15.64
CA ASP A 124 8.26 5.43 -15.98
C ASP A 124 9.01 4.48 -15.04
N TYR A 125 8.75 4.59 -13.75
CA TYR A 125 9.45 3.74 -12.78
C TYR A 125 9.04 2.28 -12.88
N GLY A 126 7.75 2.00 -12.96
CA GLY A 126 7.31 0.62 -13.07
C GLY A 126 7.75 0.04 -14.40
N ASN A 127 7.94 0.92 -15.37
CA ASN A 127 8.36 0.53 -16.71
C ASN A 127 9.85 0.17 -16.77
N SER A 128 10.70 1.00 -16.20
CA SER A 128 12.13 0.75 -16.19
C SER A 128 12.51 -0.49 -15.39
N ILE A 129 11.71 -0.84 -14.37
CA ILE A 129 12.02 -2.01 -13.56
C ILE A 129 11.34 -3.28 -14.11
N GLY A 130 10.41 -3.10 -15.05
CA GLY A 130 9.74 -4.24 -15.65
C GLY A 130 8.62 -4.89 -14.86
N VAL A 131 7.84 -4.09 -14.15
CA VAL A 131 6.73 -4.62 -13.37
C VAL A 131 5.51 -3.84 -13.82
N PRO A 132 4.57 -4.53 -14.48
CA PRO A 132 3.31 -4.00 -15.03
C PRO A 132 2.27 -3.40 -14.10
N THR A 133 1.51 -2.45 -14.65
CA THR A 133 0.42 -1.79 -13.93
C THR A 133 -0.83 -2.53 -14.39
N VAL A 134 -1.48 -3.23 -13.47
CA VAL A 134 -2.67 -4.01 -13.81
C VAL A 134 -3.97 -3.35 -13.39
N GLY A 135 -3.90 -2.09 -12.98
CA GLY A 135 -5.09 -1.39 -12.57
C GLY A 135 -4.80 -0.11 -11.83
N GLY A 136 -5.83 0.56 -11.35
CA GLY A 136 -5.61 1.80 -10.63
C GLY A 136 -6.74 2.80 -10.69
N GLU A 137 -7.41 2.99 -9.56
CA GLU A 137 -8.52 3.93 -9.51
C GLU A 137 -8.06 5.38 -9.54
N LEU A 138 -8.87 6.23 -10.16
CA LEU A 138 -8.56 7.65 -10.24
C LEU A 138 -9.78 8.48 -9.90
N ARG A 139 -9.69 9.23 -8.81
CA ARG A 139 -10.79 10.08 -8.34
C ARG A 139 -10.38 11.56 -8.39
N ILE A 140 -11.14 12.37 -9.12
CA ILE A 140 -10.84 13.79 -9.24
C ILE A 140 -11.82 14.68 -8.47
N SER A 141 -11.28 15.54 -7.61
CA SER A 141 -12.11 16.43 -6.81
C SER A 141 -11.26 17.62 -6.34
N SER A 142 -11.82 18.82 -6.41
CA SER A 142 -11.10 20.00 -6.00
C SER A 142 -10.75 19.95 -4.52
N LEU A 143 -11.22 18.92 -3.83
CA LEU A 143 -10.94 18.78 -2.40
C LEU A 143 -9.51 18.27 -2.12
N TYR A 144 -8.86 17.77 -3.16
CA TYR A 144 -7.49 17.26 -3.05
C TYR A 144 -6.50 18.27 -3.63
N ALA A 145 -7.00 19.47 -3.92
CA ALA A 145 -6.23 20.57 -4.50
C ALA A 145 -4.86 20.79 -3.88
N HIS A 146 -4.79 20.84 -2.55
CA HIS A 146 -3.50 21.07 -1.89
C HIS A 146 -2.87 19.76 -1.42
N ASN A 147 -3.68 18.70 -1.30
CA ASN A 147 -3.17 17.42 -0.84
C ASN A 147 -3.50 16.24 -1.72
N PRO A 148 -2.78 16.07 -2.83
CA PRO A 148 -3.09 14.91 -3.69
C PRO A 148 -2.69 13.62 -2.99
N LEU A 149 -3.49 12.58 -3.14
CA LEU A 149 -3.19 11.31 -2.51
C LEU A 149 -2.65 10.30 -3.51
N VAL A 150 -1.42 9.85 -3.28
CA VAL A 150 -0.80 8.88 -4.17
C VAL A 150 -0.60 7.58 -3.39
N ASN A 151 -1.50 6.64 -3.59
CA ASN A 151 -1.45 5.35 -2.92
C ASN A 151 -1.11 4.34 -4.01
N VAL A 152 -0.22 3.40 -3.70
CA VAL A 152 0.19 2.38 -4.66
C VAL A 152 0.21 0.99 -4.02
N LEU A 153 -0.36 0.03 -4.73
CA LEU A 153 -0.38 -1.32 -4.21
C LEU A 153 0.53 -2.16 -5.09
N ALA A 154 1.29 -3.05 -4.47
CA ALA A 154 2.20 -3.92 -5.20
C ALA A 154 2.04 -5.35 -4.71
N ALA A 155 1.95 -6.29 -5.65
CA ALA A 155 1.81 -7.68 -5.27
C ALA A 155 2.87 -8.53 -5.94
N GLY A 156 3.40 -9.47 -5.17
CA GLY A 156 4.41 -10.37 -5.68
C GLY A 156 4.03 -11.78 -5.30
N VAL A 157 4.61 -12.76 -5.99
CA VAL A 157 4.33 -14.16 -5.70
C VAL A 157 5.58 -14.69 -5.02
N VAL A 158 5.41 -15.55 -4.02
CA VAL A 158 6.55 -16.13 -3.30
C VAL A 158 6.26 -17.56 -2.86
N ARG A 159 7.25 -18.44 -2.98
CA ARG A 159 7.10 -19.83 -2.55
C ARG A 159 6.98 -19.89 -1.04
N ASN A 160 6.09 -20.74 -0.54
CA ASN A 160 5.88 -20.88 0.88
C ASN A 160 7.18 -21.27 1.60
N ASP A 161 8.09 -21.89 0.87
CA ASP A 161 9.34 -22.35 1.42
C ASP A 161 10.50 -21.36 1.31
N MET A 162 10.24 -20.17 0.78
CA MET A 162 11.30 -19.19 0.65
C MET A 162 10.95 -17.88 1.33
N LEU A 163 9.91 -17.90 2.17
CA LEU A 163 9.50 -16.71 2.90
C LEU A 163 10.62 -16.15 3.79
N VAL A 164 10.93 -14.89 3.57
CA VAL A 164 11.95 -14.20 4.33
C VAL A 164 11.32 -13.51 5.55
N ASP A 165 12.05 -13.51 6.66
CA ASP A 165 11.58 -12.89 7.90
C ASP A 165 11.90 -11.40 7.91
N SER A 166 11.16 -10.64 8.70
CA SER A 166 11.36 -9.21 8.78
C SER A 166 12.05 -8.78 10.06
N LYS A 167 12.92 -9.63 10.61
CA LYS A 167 13.61 -9.28 11.84
C LYS A 167 14.88 -10.10 12.01
N ALA A 168 15.66 -9.76 13.03
CA ALA A 168 16.88 -10.51 13.36
C ALA A 168 16.41 -11.60 14.33
N SER A 169 17.01 -12.79 14.27
CA SER A 169 16.58 -13.88 15.14
C SER A 169 17.58 -14.43 16.14
N ARG A 170 18.85 -14.04 16.07
CA ARG A 170 19.84 -14.53 17.03
C ARG A 170 21.13 -13.72 17.11
N PRO A 171 21.67 -13.54 18.33
CA PRO A 171 22.91 -12.78 18.56
C PRO A 171 24.01 -13.51 17.83
N GLY A 172 24.80 -12.76 17.07
CA GLY A 172 25.87 -13.34 16.27
C GLY A 172 25.61 -13.08 14.80
N GLN A 173 24.37 -12.77 14.44
CA GLN A 173 24.03 -12.48 13.06
C GLN A 173 24.62 -11.14 12.71
N VAL A 174 24.66 -10.83 11.41
CA VAL A 174 25.17 -9.55 10.96
C VAL A 174 24.17 -8.94 10.00
N ILE A 175 24.34 -7.65 9.73
CA ILE A 175 23.43 -6.95 8.82
C ILE A 175 24.18 -6.26 7.70
N VAL A 176 23.96 -6.75 6.48
CA VAL A 176 24.57 -6.18 5.28
C VAL A 176 23.62 -5.14 4.68
N ILE A 177 24.17 -4.12 4.04
CA ILE A 177 23.32 -3.11 3.40
C ILE A 177 23.85 -2.82 2.00
N PHE A 178 23.14 -3.33 0.99
CA PHE A 178 23.54 -3.15 -0.40
C PHE A 178 22.54 -2.31 -1.19
N GLY A 179 22.83 -2.10 -2.47
CA GLY A 179 21.96 -1.32 -3.32
C GLY A 179 22.67 -0.06 -3.79
N GLY A 180 21.91 1.02 -3.93
CA GLY A 180 22.52 2.27 -4.36
C GLY A 180 23.36 2.84 -3.24
N ALA A 181 24.20 3.81 -3.57
CA ALA A 181 25.06 4.45 -2.58
C ALA A 181 24.24 5.43 -1.74
N THR A 182 24.72 5.73 -0.53
CA THR A 182 24.02 6.64 0.38
C THR A 182 24.41 8.10 0.18
N GLY A 183 23.40 8.92 -0.11
CA GLY A 183 23.63 10.35 -0.30
C GLY A 183 22.96 11.16 0.78
N ARG A 184 22.62 12.41 0.48
CA ARG A 184 22.00 13.27 1.47
C ARG A 184 20.56 13.64 1.14
N ASP A 185 19.90 12.86 0.30
CA ASP A 185 18.53 13.18 -0.06
C ASP A 185 17.49 12.58 0.87
N GLY A 186 16.49 13.38 1.21
CA GLY A 186 15.43 12.89 2.07
C GLY A 186 15.65 12.94 3.57
N ILE A 187 16.80 13.43 4.03
CA ILE A 187 17.04 13.52 5.47
C ILE A 187 15.80 14.18 6.09
N HIS A 188 15.24 13.56 7.13
CA HIS A 188 14.05 14.06 7.82
C HIS A 188 12.78 14.07 6.99
N GLY A 189 12.77 13.30 5.91
CA GLY A 189 11.59 13.23 5.07
C GLY A 189 10.44 12.52 5.77
N ALA A 190 10.78 11.83 6.86
CA ALA A 190 9.78 11.11 7.65
C ALA A 190 9.11 12.09 8.62
N SER A 191 9.87 13.10 9.03
CA SER A 191 9.38 14.13 9.95
C SER A 191 8.56 15.12 9.12
N PHE A 192 8.88 15.17 7.84
CA PHE A 192 8.20 16.04 6.89
C PHE A 192 6.79 15.51 6.61
N ALA A 193 6.67 14.20 6.48
CA ALA A 193 5.39 13.55 6.19
C ALA A 193 4.47 13.45 7.42
N SER A 194 4.91 14.00 8.55
CA SER A 194 4.13 13.95 9.78
C SER A 194 3.57 15.32 10.17
N GLU A 195 3.60 16.26 9.24
CA GLU A 195 3.12 17.62 9.51
C GLU A 195 2.33 18.20 8.34
N ASP A 196 1.75 19.37 8.60
CA ASP A 196 0.99 20.14 7.63
C ASP A 196 1.97 20.55 6.54
N LEU A 197 1.50 20.64 5.30
CA LEU A 197 2.37 21.00 4.18
C LEU A 197 3.02 22.38 4.22
N THR A 198 2.75 23.14 5.28
CA THR A 198 3.33 24.47 5.42
C THR A 198 4.46 24.43 6.45
N GLY A 199 4.98 23.23 6.72
CA GLY A 199 6.04 23.06 7.69
C GLY A 199 7.41 23.52 7.24
N ASP A 200 8.32 23.70 8.20
CA ASP A 200 9.68 24.15 7.93
C ASP A 200 10.52 23.09 7.20
N LYS A 201 9.96 21.89 7.02
CA LYS A 201 10.66 20.82 6.33
C LYS A 201 10.04 20.43 5.00
N ALA A 202 9.14 21.28 4.51
CA ALA A 202 8.50 21.04 3.22
C ALA A 202 9.35 21.67 2.11
N THR A 203 10.59 21.21 1.99
CA THR A 203 11.53 21.67 0.95
C THR A 203 11.96 20.48 0.08
N LYS A 204 12.65 20.76 -1.01
CA LYS A 204 13.11 19.70 -1.92
C LYS A 204 14.17 18.84 -1.26
N LEU A 205 14.65 19.26 -0.09
CA LEU A 205 15.67 18.50 0.64
C LEU A 205 15.10 17.23 1.25
N SER A 206 13.81 17.28 1.61
CA SER A 206 13.13 16.13 2.20
C SER A 206 12.64 15.11 1.15
N ILE A 207 12.79 15.45 -0.12
CA ILE A 207 12.34 14.56 -1.19
C ILE A 207 13.42 13.55 -1.62
N GLN A 208 13.00 12.30 -1.80
CA GLN A 208 13.90 11.22 -2.20
C GLN A 208 14.05 11.25 -3.72
N VAL A 209 15.24 10.90 -4.23
CA VAL A 209 15.46 10.92 -5.68
C VAL A 209 14.81 9.74 -6.42
N GLY A 210 15.53 8.64 -6.57
CA GLY A 210 14.94 7.51 -7.28
C GLY A 210 15.66 7.09 -8.56
N ASP A 211 16.03 5.82 -8.64
CA ASP A 211 16.73 5.29 -9.79
C ASP A 211 16.26 3.86 -10.07
N PRO A 212 15.34 3.69 -11.04
CA PRO A 212 14.80 2.38 -11.40
C PRO A 212 15.81 1.36 -11.90
N PHE A 213 16.82 1.81 -12.63
CA PHE A 213 17.79 0.86 -13.11
C PHE A 213 18.51 0.23 -11.91
N ALA A 214 18.72 1.02 -10.88
CA ALA A 214 19.37 0.54 -9.67
C ALA A 214 18.46 -0.45 -8.96
N GLU A 215 17.15 -0.19 -9.00
CA GLU A 215 16.18 -1.07 -8.35
C GLU A 215 16.01 -2.40 -9.10
N LYS A 216 15.99 -2.35 -10.41
CA LYS A 216 15.82 -3.58 -11.17
C LYS A 216 16.98 -4.51 -10.81
N MET A 217 18.16 -3.91 -10.61
CA MET A 217 19.36 -4.65 -10.23
C MET A 217 19.15 -5.22 -8.83
N LEU A 218 18.66 -4.36 -7.94
CA LEU A 218 18.36 -4.72 -6.56
C LEU A 218 17.38 -5.89 -6.50
N ILE A 219 16.46 -5.95 -7.45
CA ILE A 219 15.48 -7.04 -7.50
C ILE A 219 16.17 -8.35 -7.93
N GLU A 220 17.06 -8.26 -8.90
CA GLU A 220 17.74 -9.45 -9.38
C GLU A 220 18.70 -9.99 -8.33
N ALA A 221 19.49 -9.09 -7.74
CA ALA A 221 20.46 -9.48 -6.74
C ALA A 221 19.80 -10.09 -5.51
N PHE A 222 18.80 -9.42 -4.97
CA PHE A 222 18.14 -9.93 -3.80
C PHE A 222 17.53 -11.31 -3.96
N LEU A 223 16.91 -11.56 -5.10
CA LEU A 223 16.29 -12.86 -5.33
C LEU A 223 17.35 -13.95 -5.45
N GLU A 224 18.52 -13.60 -5.98
CA GLU A 224 19.61 -14.55 -6.10
C GLU A 224 20.05 -14.91 -4.67
N MET A 225 20.17 -13.89 -3.82
CA MET A 225 20.55 -14.10 -2.43
C MET A 225 19.58 -15.05 -1.71
N VAL A 226 18.31 -14.90 -2.01
CA VAL A 226 17.29 -15.74 -1.40
C VAL A 226 17.36 -17.15 -1.97
N GLU A 227 17.54 -17.27 -3.29
CA GLU A 227 17.63 -18.57 -3.94
C GLU A 227 18.74 -19.44 -3.37
N GLU A 228 19.79 -18.82 -2.85
CA GLU A 228 20.92 -19.53 -2.28
C GLU A 228 20.83 -19.58 -0.75
N GLY A 229 19.66 -19.25 -0.21
CA GLY A 229 19.45 -19.26 1.22
C GLY A 229 20.44 -18.45 2.03
N LEU A 230 20.75 -17.24 1.58
CA LEU A 230 21.69 -16.38 2.28
C LEU A 230 20.95 -15.36 3.14
N VAL A 231 19.66 -15.22 2.87
CA VAL A 231 18.85 -14.26 3.60
C VAL A 231 18.13 -14.90 4.79
N GLU A 232 18.43 -14.41 5.98
CA GLU A 232 17.82 -14.92 7.21
C GLU A 232 16.73 -13.98 7.72
N GLY A 233 16.75 -12.75 7.20
CA GLY A 233 15.79 -11.72 7.58
C GLY A 233 16.06 -10.50 6.72
N ALA A 234 15.08 -9.63 6.53
CA ALA A 234 15.29 -8.44 5.72
C ALA A 234 14.29 -7.32 5.93
N GLN A 235 14.72 -6.12 5.58
CA GLN A 235 13.89 -4.93 5.68
C GLN A 235 14.39 -3.94 4.65
N ASP A 236 13.46 -3.30 3.94
CA ASP A 236 13.84 -2.33 2.93
C ASP A 236 14.12 -1.00 3.62
N LEU A 237 14.90 -0.15 2.97
CA LEU A 237 15.19 1.15 3.52
C LEU A 237 14.28 2.19 2.85
N GLY A 238 13.87 3.17 3.64
CA GLY A 238 13.01 4.23 3.13
C GLY A 238 13.07 5.38 4.10
N ALA A 239 12.06 5.49 4.96
CA ALA A 239 12.03 6.55 5.94
C ALA A 239 12.90 6.15 7.14
N GLY A 240 13.88 6.99 7.47
CA GLY A 240 14.76 6.70 8.58
C GLY A 240 16.08 6.08 8.15
N GLY A 241 16.15 5.68 6.88
CA GLY A 241 17.36 5.07 6.33
C GLY A 241 17.94 3.92 7.13
N VAL A 242 19.24 4.03 7.43
CA VAL A 242 19.99 3.04 8.18
C VAL A 242 19.45 2.90 9.60
N LEU A 243 19.19 4.03 10.25
CA LEU A 243 18.67 4.06 11.62
C LEU A 243 17.39 3.21 11.76
N SER A 244 16.35 3.61 11.04
CA SER A 244 15.09 2.92 11.06
C SER A 244 15.23 1.42 10.80
N ALA A 245 15.89 1.06 9.70
CA ALA A 245 16.07 -0.33 9.31
C ALA A 245 16.80 -1.23 10.32
N THR A 246 17.95 -0.77 10.79
CA THR A 246 18.76 -1.55 11.72
C THR A 246 18.12 -1.71 13.08
N SER A 247 17.62 -0.62 13.63
CA SER A 247 17.00 -0.67 14.95
C SER A 247 15.72 -1.50 14.93
N GLU A 248 15.00 -1.47 13.81
CA GLU A 248 13.74 -2.21 13.72
C GLU A 248 13.91 -3.71 13.50
N LEU A 249 15.02 -4.12 12.89
CA LEU A 249 15.22 -5.54 12.68
C LEU A 249 15.55 -6.22 14.00
N VAL A 250 16.24 -5.52 14.90
CA VAL A 250 16.59 -6.09 16.20
C VAL A 250 15.54 -5.89 17.29
N ALA A 251 14.79 -4.78 17.23
CA ALA A 251 13.73 -4.54 18.21
C ALA A 251 12.69 -5.67 18.05
N LYS A 252 12.35 -5.98 16.81
CA LYS A 252 11.39 -7.03 16.50
C LYS A 252 11.83 -8.36 17.08
N GLY A 253 13.11 -8.66 16.93
CA GLY A 253 13.62 -9.92 17.45
C GLY A 253 13.95 -9.86 18.93
N ASN A 254 13.89 -8.64 19.47
CA ASN A 254 14.19 -8.34 20.87
C ASN A 254 15.66 -8.59 21.13
N LEU A 255 16.48 -8.00 20.25
CA LEU A 255 17.92 -8.12 20.31
C LEU A 255 18.51 -6.71 20.30
N GLY A 256 19.79 -6.62 19.98
CA GLY A 256 20.45 -5.33 19.93
C GLY A 256 21.28 -5.24 18.67
N ALA A 257 22.00 -4.13 18.51
CA ALA A 257 22.80 -3.93 17.32
C ALA A 257 23.92 -2.94 17.56
N ILE A 258 25.02 -3.12 16.84
CA ILE A 258 26.17 -2.21 16.91
C ILE A 258 26.41 -1.77 15.47
N VAL A 259 25.89 -0.61 15.10
CA VAL A 259 26.04 -0.13 13.73
C VAL A 259 27.33 0.67 13.54
N HIS A 260 28.06 0.36 12.45
CA HIS A 260 29.31 1.05 12.13
C HIS A 260 29.07 1.92 10.91
N LEU A 261 28.72 3.19 11.13
CA LEU A 261 28.44 4.13 10.03
C LEU A 261 29.52 4.23 8.96
N ASP A 262 30.78 4.10 9.38
CA ASP A 262 31.91 4.18 8.47
C ASP A 262 31.95 3.07 7.42
N ARG A 263 31.17 2.03 7.60
CA ARG A 263 31.16 0.92 6.65
C ARG A 263 30.08 1.10 5.58
N VAL A 264 29.25 2.13 5.75
CA VAL A 264 28.17 2.48 4.84
C VAL A 264 28.70 3.25 3.62
N PRO A 265 28.55 2.68 2.41
CA PRO A 265 29.00 3.25 1.14
C PRO A 265 28.38 4.62 0.88
N LEU A 266 29.23 5.63 0.76
CA LEU A 266 28.78 6.99 0.54
C LEU A 266 28.79 7.41 -0.92
N ARG A 267 27.96 8.41 -1.21
CA ARG A 267 27.83 8.99 -2.54
C ARG A 267 28.26 10.45 -2.37
N GLU A 268 28.51 10.83 -1.12
CA GLU A 268 28.96 12.17 -0.72
C GLU A 268 29.81 11.96 0.53
N PRO A 269 31.15 11.83 0.35
CA PRO A 269 32.12 11.61 1.43
C PRO A 269 32.23 12.62 2.58
N ASP A 270 31.63 13.80 2.43
CA ASP A 270 31.72 14.81 3.49
C ASP A 270 30.58 14.72 4.51
N MET A 271 29.60 13.85 4.26
CA MET A 271 28.48 13.68 5.16
C MET A 271 28.96 13.43 6.57
N GLU A 272 28.09 13.70 7.54
CA GLU A 272 28.39 13.50 8.95
C GLU A 272 27.68 12.24 9.41
N PRO A 273 28.09 11.69 10.57
CA PRO A 273 27.49 10.48 11.13
C PRO A 273 25.97 10.45 11.14
N TRP A 274 25.35 11.49 11.68
CA TRP A 274 23.89 11.54 11.73
C TRP A 274 23.26 11.61 10.32
N GLU A 275 23.94 12.26 9.39
CA GLU A 275 23.41 12.35 8.03
C GLU A 275 23.41 10.96 7.40
N ILE A 276 24.42 10.16 7.74
CA ILE A 276 24.56 8.80 7.21
C ILE A 276 23.53 7.87 7.85
N LEU A 277 23.12 8.24 9.04
CA LEU A 277 22.18 7.47 9.84
C LEU A 277 20.71 7.64 9.45
N ILE A 278 20.32 8.86 9.10
CA ILE A 278 18.94 9.10 8.74
C ILE A 278 18.71 9.42 7.26
N SER A 279 19.76 9.33 6.45
CA SER A 279 19.65 9.59 5.02
C SER A 279 18.61 8.61 4.44
N GLU A 280 17.70 9.12 3.62
CA GLU A 280 16.66 8.30 3.04
C GLU A 280 16.80 7.97 1.57
N SER A 281 18.04 7.82 1.13
CA SER A 281 18.34 7.47 -0.26
C SER A 281 17.69 6.16 -0.65
N GLN A 282 17.30 6.08 -1.92
CA GLN A 282 16.61 4.93 -2.51
C GLN A 282 17.50 3.78 -2.98
N GLU A 283 16.84 2.72 -3.44
CA GLU A 283 17.49 1.53 -3.97
C GLU A 283 18.42 0.80 -2.99
N ARG A 284 18.05 0.77 -1.71
CA ARG A 284 18.89 0.11 -0.70
C ARG A 284 18.11 -0.89 0.12
N MET A 285 18.74 -2.03 0.39
CA MET A 285 18.12 -3.11 1.16
C MET A 285 19.03 -3.56 2.32
N ALA A 286 18.41 -3.87 3.46
CA ALA A 286 19.15 -4.33 4.62
C ALA A 286 18.88 -5.80 4.86
N VAL A 287 19.92 -6.63 4.70
CA VAL A 287 19.78 -8.07 4.89
C VAL A 287 20.45 -8.61 6.18
N VAL A 288 19.73 -9.47 6.90
CA VAL A 288 20.25 -10.08 8.12
C VAL A 288 20.74 -11.46 7.73
N THR A 289 21.92 -11.86 8.20
CA THR A 289 22.46 -13.19 7.89
C THR A 289 23.57 -13.61 8.85
N SER A 290 24.16 -14.77 8.58
CA SER A 290 25.26 -15.29 9.40
C SER A 290 26.53 -14.60 8.91
N PRO A 291 27.53 -14.49 9.80
CA PRO A 291 28.78 -13.83 9.40
C PRO A 291 29.39 -14.45 8.14
N GLN A 292 29.36 -15.77 8.05
CA GLN A 292 29.95 -16.50 6.93
C GLN A 292 29.38 -16.26 5.53
N LYS A 293 28.07 -16.02 5.42
CA LYS A 293 27.42 -15.80 4.12
C LYS A 293 27.60 -14.38 3.56
N ALA A 294 28.05 -13.45 4.40
CA ALA A 294 28.25 -12.07 4.01
C ALA A 294 29.15 -11.95 2.78
N SER A 295 30.09 -12.87 2.65
CA SER A 295 31.01 -12.86 1.52
C SER A 295 30.30 -13.02 0.17
N ARG A 296 29.43 -14.01 0.04
CA ARG A 296 28.72 -14.24 -1.22
C ARG A 296 27.69 -13.19 -1.52
N ILE A 297 27.06 -12.64 -0.48
CA ILE A 297 26.07 -11.60 -0.67
C ILE A 297 26.74 -10.36 -1.26
N LEU A 298 27.90 -9.99 -0.72
CA LEU A 298 28.65 -8.83 -1.22
C LEU A 298 29.05 -9.05 -2.68
N GLU A 299 29.50 -10.25 -2.98
CA GLU A 299 29.89 -10.63 -4.33
C GLU A 299 28.72 -10.51 -5.34
N ILE A 300 27.56 -10.98 -4.94
CA ILE A 300 26.35 -10.96 -5.76
C ILE A 300 25.89 -9.54 -6.11
N ALA A 301 25.94 -8.65 -5.13
CA ALA A 301 25.51 -7.26 -5.31
C ALA A 301 26.52 -6.47 -6.15
N ARG A 302 27.80 -6.69 -5.88
CA ARG A 302 28.85 -5.99 -6.62
C ARG A 302 28.84 -6.40 -8.09
N LYS A 303 28.71 -7.68 -8.37
CA LYS A 303 28.69 -8.11 -9.76
C LYS A 303 27.40 -7.61 -10.42
N HIS A 304 26.42 -7.22 -9.59
CA HIS A 304 25.16 -6.68 -10.09
C HIS A 304 25.23 -5.17 -10.17
N LEU A 305 26.43 -4.63 -10.04
CA LEU A 305 26.68 -3.18 -10.10
C LEU A 305 26.05 -2.39 -8.94
N LEU A 306 26.03 -2.99 -7.75
CA LEU A 306 25.47 -2.34 -6.57
C LEU A 306 26.54 -2.34 -5.47
N PHE A 307 26.51 -1.32 -4.60
CA PHE A 307 27.46 -1.21 -3.50
C PHE A 307 26.88 -1.81 -2.23
N GLY A 308 27.65 -1.75 -1.14
CA GLY A 308 27.18 -2.28 0.14
C GLY A 308 28.23 -3.07 0.89
N ASP A 309 28.16 -3.07 2.22
CA ASP A 309 29.10 -3.81 3.07
C ASP A 309 28.43 -4.25 4.39
N VAL A 310 29.13 -5.03 5.22
CA VAL A 310 28.55 -5.48 6.49
C VAL A 310 28.54 -4.25 7.42
N VAL A 311 27.35 -3.84 7.86
CA VAL A 311 27.23 -2.63 8.64
C VAL A 311 26.94 -2.74 10.14
N ALA A 312 26.31 -3.84 10.54
CA ALA A 312 25.97 -4.01 11.94
C ALA A 312 26.18 -5.43 12.45
N GLU A 313 26.25 -5.57 13.76
CA GLU A 313 26.41 -6.88 14.38
C GLU A 313 25.20 -7.06 15.29
N VAL A 314 24.56 -8.22 15.23
CA VAL A 314 23.40 -8.45 16.09
C VAL A 314 23.93 -8.98 17.41
N ILE A 315 23.56 -8.30 18.49
CA ILE A 315 23.97 -8.69 19.83
C ILE A 315 22.72 -8.99 20.68
N GLU A 316 22.90 -9.80 21.70
CA GLU A 316 21.82 -10.16 22.59
C GLU A 316 21.35 -8.99 23.47
N GLU A 317 22.25 -8.06 23.79
CA GLU A 317 21.90 -6.92 24.63
C GLU A 317 20.97 -5.94 23.90
N PRO A 318 19.85 -5.56 24.55
CA PRO A 318 18.86 -4.63 23.97
C PRO A 318 19.34 -3.20 23.83
N VAL A 319 20.53 -3.03 23.27
CA VAL A 319 21.07 -1.69 23.09
C VAL A 319 21.32 -1.38 21.62
N TYR A 320 21.25 -0.09 21.30
CA TYR A 320 21.50 0.34 19.94
C TYR A 320 22.74 1.22 19.98
N ARG A 321 23.88 0.65 19.64
CA ARG A 321 25.13 1.38 19.69
C ARG A 321 25.61 1.81 18.30
N VAL A 322 25.57 3.12 18.05
CA VAL A 322 25.98 3.66 16.76
C VAL A 322 27.45 4.09 16.83
N MET A 323 28.22 3.50 15.95
CA MET A 323 29.65 3.72 15.92
C MET A 323 30.18 4.29 14.62
N TYR A 324 31.16 5.18 14.73
CA TYR A 324 31.81 5.69 13.53
C TYR A 324 33.27 5.47 13.87
N ARG A 325 33.84 4.41 13.33
CA ARG A 325 35.23 4.07 13.63
C ARG A 325 35.20 3.58 15.07
N ASN A 326 36.06 4.15 15.92
CA ASN A 326 36.12 3.76 17.32
C ASN A 326 35.58 4.88 18.20
N ASP A 327 34.82 5.76 17.58
CA ASP A 327 34.23 6.88 18.29
C ASP A 327 32.71 6.71 18.32
N LEU A 328 32.18 6.57 19.53
CA LEU A 328 30.74 6.39 19.74
C LEU A 328 29.95 7.62 19.33
N VAL A 329 28.90 7.38 18.55
CA VAL A 329 28.02 8.44 18.08
C VAL A 329 26.79 8.58 18.97
N MET A 330 26.15 7.45 19.27
CA MET A 330 24.95 7.45 20.08
C MET A 330 24.85 6.09 20.76
N GLU A 331 23.85 5.94 21.61
CA GLU A 331 23.62 4.69 22.32
C GLU A 331 22.39 4.81 23.20
N VAL A 332 21.35 4.06 22.83
CA VAL A 332 20.12 4.09 23.60
C VAL A 332 19.43 2.74 23.58
N PRO A 333 18.43 2.55 24.46
CA PRO A 333 17.66 1.29 24.54
C PRO A 333 16.92 1.07 23.23
N VAL A 334 17.23 0.00 22.53
CA VAL A 334 16.59 -0.29 21.27
C VAL A 334 15.06 -0.25 21.34
N GLN A 335 14.48 -0.76 22.42
CA GLN A 335 13.02 -0.79 22.58
C GLN A 335 12.44 0.58 22.87
N LEU A 336 13.30 1.58 23.09
CA LEU A 336 12.85 2.94 23.34
C LEU A 336 12.54 3.55 21.97
N LEU A 337 13.46 3.38 21.03
CA LEU A 337 13.33 3.89 19.66
C LEU A 337 12.15 3.27 18.92
N ALA A 338 12.12 1.94 18.91
CA ALA A 338 11.08 1.18 18.21
C ALA A 338 9.66 1.38 18.73
N ASN A 339 9.51 2.10 19.84
CA ASN A 339 8.18 2.34 20.42
C ASN A 339 7.90 3.80 20.75
N ALA A 340 7.06 4.44 19.94
CA ALA A 340 6.70 5.82 20.20
C ALA A 340 5.61 5.84 21.28
N PRO A 341 5.41 6.99 21.92
CA PRO A 341 4.37 7.10 22.95
C PRO A 341 3.01 6.87 22.28
N GLU A 342 2.15 6.05 22.90
CA GLU A 342 0.84 5.79 22.33
C GLU A 342 -0.22 6.76 22.84
N GLU A 343 -1.12 7.15 21.94
CA GLU A 343 -2.20 8.08 22.27
C GLU A 343 -3.50 7.31 22.53
N ASP A 344 -4.31 7.85 23.42
CA ASP A 344 -5.58 7.22 23.74
C ASP A 344 -6.51 7.34 22.55
N ILE A 345 -7.41 6.36 22.46
CA ILE A 345 -8.38 6.34 21.38
C ILE A 345 -9.75 6.66 21.96
N VAL A 346 -10.69 7.03 21.08
CA VAL A 346 -12.04 7.33 21.54
C VAL A 346 -12.94 6.27 20.92
N GLU A 347 -14.00 5.93 21.62
CA GLU A 347 -14.94 4.93 21.12
C GLU A 347 -15.97 5.58 20.23
N TYR A 348 -16.16 5.02 19.05
CA TYR A 348 -17.15 5.54 18.12
C TYR A 348 -18.35 4.60 18.01
N THR A 349 -19.53 5.21 17.94
CA THR A 349 -20.77 4.46 17.80
C THR A 349 -21.48 5.10 16.61
N PRO A 350 -21.75 4.30 15.57
CA PRO A 350 -22.43 4.77 14.36
C PRO A 350 -23.85 5.24 14.61
N GLY A 351 -24.45 5.79 13.55
CA GLY A 351 -25.82 6.25 13.60
C GLY A 351 -26.49 5.55 12.44
N LYS A 352 -27.66 6.01 12.02
CA LYS A 352 -28.35 5.36 10.91
C LYS A 352 -27.65 5.64 9.60
N ILE A 353 -27.78 4.73 8.64
CA ILE A 353 -27.20 4.94 7.32
C ILE A 353 -27.87 6.21 6.79
N PRO A 354 -27.07 7.22 6.43
CA PRO A 354 -27.63 8.47 5.91
C PRO A 354 -28.21 8.41 4.49
N GLU A 355 -28.91 9.48 4.13
CA GLU A 355 -29.48 9.63 2.80
C GLU A 355 -28.39 10.40 2.05
N PHE A 356 -27.38 9.66 1.59
CA PHE A 356 -26.29 10.27 0.87
C PHE A 356 -26.86 11.09 -0.28
N LYS A 357 -26.37 12.32 -0.43
CA LYS A 357 -26.82 13.19 -1.52
C LYS A 357 -25.74 13.17 -2.60
N ARG A 358 -25.97 13.85 -3.72
CA ARG A 358 -25.00 13.85 -4.80
C ARG A 358 -23.83 14.81 -4.64
N VAL A 359 -22.64 14.25 -4.69
CA VAL A 359 -21.40 15.01 -4.60
C VAL A 359 -20.50 14.33 -5.60
N GLU A 360 -20.58 14.79 -6.85
CA GLU A 360 -19.80 14.18 -7.91
C GLU A 360 -18.31 14.49 -7.90
N PHE A 361 -17.56 13.52 -8.41
CA PHE A 361 -16.12 13.59 -8.53
C PHE A 361 -15.89 13.54 -10.04
N GLU A 362 -15.57 14.70 -10.62
CA GLU A 362 -15.32 14.87 -12.05
C GLU A 362 -15.20 13.60 -12.87
N GLU A 363 -15.78 13.62 -14.06
CA GLU A 363 -15.70 12.47 -14.94
C GLU A 363 -14.68 12.77 -16.02
N VAL A 364 -13.44 13.00 -15.59
CA VAL A 364 -12.36 13.34 -16.51
C VAL A 364 -11.67 12.11 -17.12
N ASN A 365 -12.45 11.13 -17.54
CA ASN A 365 -11.90 9.92 -18.14
C ASN A 365 -10.90 10.35 -19.22
N ALA A 366 -9.65 9.95 -19.06
CA ALA A 366 -8.62 10.33 -20.03
C ALA A 366 -7.58 9.23 -20.27
N ARG A 367 -7.76 8.47 -21.34
CA ARG A 367 -6.82 7.40 -21.68
C ARG A 367 -5.71 7.99 -22.54
N GLU A 368 -5.94 9.21 -23.02
CA GLU A 368 -4.98 9.93 -23.83
C GLU A 368 -3.65 10.03 -23.07
N VAL A 369 -3.73 10.52 -21.83
CA VAL A 369 -2.57 10.69 -20.96
C VAL A 369 -1.93 9.33 -20.57
N PHE A 370 -2.73 8.29 -20.48
CA PHE A 370 -2.22 6.98 -20.11
C PHE A 370 -1.54 6.30 -21.28
N GLU A 371 -1.76 6.83 -22.48
CA GLU A 371 -1.15 6.26 -23.67
C GLU A 371 0.12 7.05 -24.00
N GLN A 372 0.07 8.34 -23.77
CA GLN A 372 1.19 9.22 -24.04
C GLN A 372 2.41 8.77 -23.24
N TYR A 373 2.16 8.43 -21.98
CA TYR A 373 3.21 7.99 -21.07
C TYR A 373 3.09 6.46 -20.98
N ASP A 374 2.43 5.88 -21.97
CA ASP A 374 2.18 4.43 -22.07
C ASP A 374 2.11 3.76 -20.71
N HIS A 375 1.11 4.20 -19.94
CA HIS A 375 0.81 3.72 -18.62
C HIS A 375 -0.17 2.58 -18.86
N MET A 376 0.30 1.56 -19.58
CA MET A 376 -0.52 0.40 -19.92
C MET A 376 -1.11 -0.15 -18.64
N VAL A 377 -2.39 -0.49 -18.68
CA VAL A 377 -3.06 -1.03 -17.51
C VAL A 377 -3.84 -2.30 -17.84
N GLY A 378 -3.12 -3.36 -18.19
CA GLY A 378 -3.78 -4.61 -18.50
C GLY A 378 -3.12 -5.48 -19.56
N THR A 379 -1.79 -5.51 -19.57
CA THR A 379 -1.08 -6.34 -20.55
C THR A 379 -0.67 -7.63 -19.85
N ASP A 380 -1.57 -8.62 -19.89
CA ASP A 380 -1.35 -9.94 -19.31
C ASP A 380 -2.10 -10.20 -18.00
N THR A 381 -3.43 -10.26 -18.14
CA THR A 381 -4.34 -10.54 -17.04
C THR A 381 -5.28 -11.58 -17.64
N VAL A 382 -5.97 -12.35 -16.82
CA VAL A 382 -6.88 -13.35 -17.37
C VAL A 382 -7.95 -12.61 -18.18
N VAL A 383 -8.51 -11.58 -17.58
CA VAL A 383 -9.52 -10.75 -18.25
C VAL A 383 -9.14 -9.30 -18.00
N PRO A 384 -9.31 -8.43 -19.02
CA PRO A 384 -8.97 -7.00 -18.90
C PRO A 384 -9.43 -6.29 -17.62
N PRO A 385 -8.55 -5.44 -17.05
CA PRO A 385 -8.79 -4.67 -15.82
C PRO A 385 -9.80 -3.55 -16.02
N GLY A 386 -9.97 -3.12 -17.25
CA GLY A 386 -10.91 -2.04 -17.55
C GLY A 386 -12.26 -2.30 -16.90
N PHE A 387 -12.52 -3.57 -16.60
CA PHE A 387 -13.77 -3.97 -15.98
C PHE A 387 -13.77 -3.83 -14.46
N GLY A 388 -12.58 -3.79 -13.87
CA GLY A 388 -12.48 -3.66 -12.42
C GLY A 388 -11.37 -4.50 -11.84
N ALA A 389 -11.74 -5.64 -11.28
CA ALA A 389 -10.75 -6.52 -10.68
C ALA A 389 -9.69 -6.94 -11.69
N ALA A 390 -8.46 -7.10 -11.23
CA ALA A 390 -7.37 -7.55 -12.10
C ALA A 390 -7.05 -8.99 -11.70
N VAL A 391 -7.21 -9.91 -12.63
CA VAL A 391 -6.94 -11.32 -12.35
C VAL A 391 -5.65 -11.80 -12.97
N MET A 392 -4.75 -12.30 -12.13
CA MET A 392 -3.44 -12.82 -12.56
C MET A 392 -3.39 -14.34 -12.41
N ARG A 393 -2.63 -14.99 -13.29
CA ARG A 393 -2.47 -16.43 -13.20
C ARG A 393 -1.23 -16.73 -12.39
N ILE A 394 -1.14 -17.97 -11.93
CA ILE A 394 0.00 -18.45 -11.19
C ILE A 394 0.17 -19.87 -11.73
N LYS A 395 -0.97 -20.47 -12.06
CA LYS A 395 -1.03 -21.80 -12.62
C LYS A 395 -2.15 -21.79 -13.67
N ARG A 396 -2.26 -22.86 -14.44
CA ARG A 396 -3.28 -22.96 -15.47
C ARG A 396 -4.68 -22.75 -14.87
N ASP A 397 -4.86 -23.26 -13.65
CA ASP A 397 -6.12 -23.16 -12.94
C ASP A 397 -5.94 -22.59 -11.53
N GLY A 398 -5.01 -21.65 -11.41
CA GLY A 398 -4.76 -21.01 -10.13
C GLY A 398 -4.46 -19.55 -10.39
N GLY A 399 -5.10 -18.68 -9.63
CA GLY A 399 -4.87 -17.26 -9.79
C GLY A 399 -5.44 -16.42 -8.67
N TYR A 400 -5.10 -15.14 -8.67
CA TYR A 400 -5.59 -14.24 -7.64
C TYR A 400 -6.12 -12.95 -8.24
N SER A 401 -6.95 -12.25 -7.48
CA SER A 401 -7.52 -11.00 -7.93
C SER A 401 -7.07 -9.87 -7.00
N LEU A 402 -7.07 -8.66 -7.55
CA LEU A 402 -6.69 -7.47 -6.82
C LEU A 402 -7.71 -6.41 -7.14
N VAL A 403 -8.18 -5.74 -6.10
CA VAL A 403 -9.18 -4.69 -6.22
C VAL A 403 -8.79 -3.53 -5.30
N THR A 404 -8.76 -2.32 -5.86
CA THR A 404 -8.45 -1.13 -5.07
C THR A 404 -9.66 -0.24 -5.20
N HIS A 405 -10.28 0.08 -4.08
CA HIS A 405 -11.48 0.89 -4.08
C HIS A 405 -11.55 1.80 -2.85
N SER A 406 -12.34 2.87 -2.96
CA SER A 406 -12.53 3.82 -1.87
C SER A 406 -13.74 4.67 -2.23
N ARG A 407 -14.44 5.19 -1.23
CA ARG A 407 -15.62 6.02 -1.47
C ARG A 407 -15.55 7.32 -0.65
N ALA A 408 -14.51 8.11 -0.89
CA ALA A 408 -14.32 9.38 -0.16
C ALA A 408 -15.54 10.28 -0.33
N ASP A 409 -16.23 10.14 -1.46
CA ASP A 409 -17.44 10.91 -1.76
C ASP A 409 -18.52 10.63 -0.71
N LEU A 410 -18.68 9.37 -0.34
CA LEU A 410 -19.65 8.99 0.67
C LEU A 410 -19.13 9.30 2.06
N ALA A 411 -17.86 8.99 2.29
CA ALA A 411 -17.23 9.21 3.59
C ALA A 411 -17.20 10.66 3.97
N LEU A 412 -17.09 11.54 2.97
CA LEU A 412 -17.04 12.96 3.25
C LEU A 412 -18.28 13.41 4.02
N GLN A 413 -19.40 12.72 3.80
CA GLN A 413 -20.67 13.04 4.45
C GLN A 413 -20.88 12.30 5.76
N ASP A 414 -20.30 11.11 5.86
CA ASP A 414 -20.38 10.29 7.05
C ASP A 414 -19.17 9.37 7.03
N THR A 415 -18.12 9.76 7.74
CA THR A 415 -16.90 8.98 7.77
C THR A 415 -17.13 7.48 7.94
N TYR A 416 -17.95 7.10 8.92
CA TYR A 416 -18.22 5.68 9.19
C TYR A 416 -18.82 4.93 8.01
N TRP A 417 -20.07 5.26 7.68
CA TRP A 417 -20.77 4.60 6.59
C TRP A 417 -20.11 4.61 5.21
N GLY A 418 -19.45 5.72 4.85
CA GLY A 418 -18.80 5.81 3.55
C GLY A 418 -17.64 4.83 3.46
N THR A 419 -16.90 4.70 4.55
CA THR A 419 -15.78 3.80 4.64
C THR A 419 -16.26 2.35 4.62
N LEU A 420 -17.18 2.04 5.52
CA LEU A 420 -17.73 0.69 5.64
C LEU A 420 -18.27 0.21 4.30
N ILE A 421 -18.97 1.10 3.59
CA ILE A 421 -19.54 0.77 2.28
C ILE A 421 -18.44 0.51 1.26
N ALA A 422 -17.35 1.26 1.35
CA ALA A 422 -16.23 1.07 0.45
C ALA A 422 -15.65 -0.34 0.60
N VAL A 423 -15.50 -0.79 1.84
CA VAL A 423 -14.96 -2.14 2.10
C VAL A 423 -15.92 -3.17 1.52
N LEU A 424 -17.21 -3.03 1.83
CA LEU A 424 -18.18 -3.97 1.31
C LEU A 424 -18.20 -4.02 -0.23
N GLU A 425 -18.27 -2.86 -0.89
CA GLU A 425 -18.29 -2.81 -2.36
C GLU A 425 -17.09 -3.53 -2.95
N SER A 426 -15.97 -3.46 -2.24
CA SER A 426 -14.74 -4.13 -2.65
C SER A 426 -14.97 -5.65 -2.69
N VAL A 427 -15.94 -6.13 -1.92
CA VAL A 427 -16.26 -7.55 -1.89
C VAL A 427 -17.09 -7.94 -3.12
N ARG A 428 -18.00 -7.05 -3.54
CA ARG A 428 -18.85 -7.30 -4.70
C ARG A 428 -17.99 -7.52 -5.92
N LYS A 429 -17.02 -6.63 -6.12
CA LYS A 429 -16.10 -6.71 -7.26
C LYS A 429 -15.38 -8.06 -7.31
N THR A 430 -14.77 -8.43 -6.19
CA THR A 430 -14.06 -9.70 -6.09
C THR A 430 -15.00 -10.84 -6.46
N LEU A 431 -16.20 -10.80 -5.90
CA LEU A 431 -17.21 -11.84 -6.16
C LEU A 431 -17.68 -11.85 -7.60
N SER A 432 -17.77 -10.67 -8.20
CA SER A 432 -18.23 -10.45 -9.57
C SER A 432 -17.36 -11.09 -10.64
N VAL A 433 -16.14 -11.42 -10.25
CA VAL A 433 -15.19 -12.02 -11.17
C VAL A 433 -14.92 -13.49 -10.82
N GLY A 434 -15.67 -14.01 -9.84
CA GLY A 434 -15.52 -15.40 -9.43
C GLY A 434 -14.46 -15.67 -8.38
N ALA A 435 -13.92 -14.62 -7.78
CA ALA A 435 -12.89 -14.81 -6.77
C ALA A 435 -13.43 -14.87 -5.34
N GLU A 436 -12.67 -15.55 -4.49
CA GLU A 436 -13.03 -15.73 -3.09
C GLU A 436 -12.24 -14.74 -2.24
N PRO A 437 -12.91 -13.71 -1.69
CA PRO A 437 -12.27 -12.70 -0.84
C PRO A 437 -11.29 -13.38 0.13
N LEU A 438 -10.02 -13.01 0.09
CA LEU A 438 -9.03 -13.66 0.95
C LEU A 438 -8.47 -12.81 2.10
N ALA A 439 -8.12 -11.57 1.80
CA ALA A 439 -7.55 -10.67 2.78
C ALA A 439 -7.62 -9.24 2.28
N ILE A 440 -7.20 -8.32 3.13
CA ILE A 440 -7.22 -6.91 2.83
C ILE A 440 -5.97 -6.19 3.28
N THR A 441 -5.52 -5.24 2.47
CA THR A 441 -4.41 -4.38 2.85
C THR A 441 -5.15 -3.06 2.68
N ASN A 442 -4.86 -2.10 3.54
CA ASN A 442 -5.57 -0.84 3.43
C ASN A 442 -4.66 0.33 3.75
N CYS A 443 -5.05 1.51 3.26
CA CYS A 443 -4.29 2.72 3.49
C CYS A 443 -5.23 3.78 4.02
N VAL A 444 -4.97 4.24 5.24
CA VAL A 444 -5.79 5.27 5.86
C VAL A 444 -5.20 6.64 5.53
N ASN A 445 -5.98 7.46 4.83
CA ASN A 445 -5.57 8.79 4.45
C ASN A 445 -6.43 9.78 5.26
N TYR A 446 -5.81 10.43 6.24
CA TYR A 446 -6.51 11.35 7.10
C TYR A 446 -5.76 12.67 7.32
N GLY A 447 -6.43 13.60 7.99
CA GLY A 447 -5.82 14.89 8.27
C GLY A 447 -5.24 15.00 9.68
N ASP A 448 -5.75 15.93 10.48
CA ASP A 448 -5.26 16.14 11.85
C ASP A 448 -6.02 15.32 12.90
N PRO A 449 -5.36 14.30 13.48
CA PRO A 449 -5.99 13.44 14.51
C PRO A 449 -6.24 14.23 15.79
N ASP A 450 -5.29 15.08 16.15
CA ASP A 450 -5.41 15.90 17.36
C ASP A 450 -6.69 16.71 17.24
N VAL A 451 -6.85 17.40 16.12
CA VAL A 451 -8.02 18.24 15.85
C VAL A 451 -9.33 17.44 15.71
N ASP A 452 -9.39 16.50 14.77
CA ASP A 452 -10.59 15.69 14.61
C ASP A 452 -10.24 14.24 14.90
N PRO A 453 -10.40 13.81 16.16
CA PRO A 453 -10.11 12.44 16.59
C PRO A 453 -11.23 11.47 16.25
N VAL A 454 -12.45 11.98 16.24
CA VAL A 454 -13.64 11.19 15.93
C VAL A 454 -13.53 10.55 14.55
N GLY A 455 -13.39 11.40 13.54
CA GLY A 455 -13.30 10.93 12.17
C GLY A 455 -12.31 9.79 11.96
N LEU A 456 -11.22 9.80 12.70
CA LEU A 456 -10.23 8.73 12.55
C LEU A 456 -10.81 7.49 13.18
N SER A 457 -11.37 7.68 14.36
CA SER A 457 -11.99 6.61 15.11
C SER A 457 -13.08 5.95 14.27
N ALA A 458 -13.83 6.77 13.56
CA ALA A 458 -14.91 6.29 12.71
C ALA A 458 -14.39 5.44 11.57
N MET A 459 -13.23 5.82 11.02
CA MET A 459 -12.64 5.06 9.93
C MET A 459 -12.24 3.69 10.44
N MET A 460 -11.49 3.66 11.53
CA MET A 460 -11.02 2.40 12.11
C MET A 460 -12.13 1.50 12.62
N THR A 461 -13.19 2.08 13.18
CA THR A 461 -14.30 1.26 13.67
C THR A 461 -15.01 0.63 12.48
N ALA A 462 -15.28 1.45 11.47
CA ALA A 462 -15.98 0.99 10.27
C ALA A 462 -15.18 -0.10 9.56
N LEU A 463 -13.86 0.05 9.53
CA LEU A 463 -13.00 -0.94 8.89
C LEU A 463 -13.01 -2.22 9.71
N LYS A 464 -13.05 -2.06 11.03
CA LYS A 464 -13.08 -3.20 11.94
C LYS A 464 -14.40 -3.94 11.81
N ASN A 465 -15.50 -3.19 11.75
CA ASN A 465 -16.83 -3.78 11.61
C ASN A 465 -17.06 -4.39 10.22
N ALA A 466 -16.39 -3.86 9.20
CA ALA A 466 -16.56 -4.39 7.85
C ALA A 466 -15.93 -5.77 7.74
N CYS A 467 -14.85 -6.00 8.48
CA CYS A 467 -14.14 -7.28 8.48
C CYS A 467 -14.85 -8.32 9.32
N GLU A 468 -15.52 -7.87 10.36
CA GLU A 468 -16.24 -8.77 11.24
C GLU A 468 -17.53 -9.22 10.55
N PHE A 469 -18.15 -8.29 9.83
CA PHE A 469 -19.38 -8.58 9.13
C PHE A 469 -19.14 -9.41 7.87
N SER A 470 -18.00 -9.23 7.23
CA SER A 470 -17.67 -9.96 6.00
C SER A 470 -16.82 -11.21 6.22
N GLY A 471 -16.10 -11.24 7.34
CA GLY A 471 -15.25 -12.38 7.64
C GLY A 471 -13.88 -12.25 6.98
N VAL A 472 -13.68 -11.15 6.28
CA VAL A 472 -12.42 -10.87 5.59
C VAL A 472 -11.49 -10.09 6.50
N PRO A 473 -10.35 -10.70 6.89
CA PRO A 473 -9.36 -10.07 7.77
C PRO A 473 -8.40 -9.12 7.07
N VAL A 474 -7.58 -8.43 7.87
CA VAL A 474 -6.61 -7.46 7.37
C VAL A 474 -5.20 -8.04 7.42
N ALA A 475 -4.57 -8.17 6.26
CA ALA A 475 -3.21 -8.71 6.16
C ALA A 475 -2.12 -7.67 6.40
N SER A 476 -2.39 -6.42 6.03
CA SER A 476 -1.41 -5.35 6.20
C SER A 476 -2.03 -3.99 5.93
N GLY A 477 -1.20 -2.95 5.94
CA GLY A 477 -1.71 -1.63 5.69
C GLY A 477 -0.72 -0.50 5.85
N ASN A 478 -1.25 0.71 5.87
CA ASN A 478 -0.45 1.92 6.00
C ASN A 478 -1.36 3.00 6.57
N ALA A 479 -0.77 4.03 7.15
CA ALA A 479 -1.57 5.12 7.70
C ALA A 479 -0.86 6.45 7.52
N SER A 480 -1.39 7.26 6.60
CA SER A 480 -0.85 8.57 6.32
C SER A 480 -1.72 9.62 7.01
N LEU A 481 -1.18 10.30 8.01
CA LEU A 481 -1.92 11.31 8.72
C LEU A 481 -1.35 12.70 8.47
N TYR A 482 -2.06 13.72 8.93
CA TYR A 482 -1.64 15.10 8.76
C TYR A 482 -1.56 15.53 7.31
N ASN A 483 -2.55 15.12 6.54
CA ASN A 483 -2.63 15.51 5.14
C ASN A 483 -3.54 16.73 5.15
N THR A 484 -2.96 17.87 5.50
CA THR A 484 -3.66 19.15 5.56
C THR A 484 -2.78 20.26 5.01
N TYR A 485 -3.40 21.35 4.60
CA TYR A 485 -2.65 22.51 4.09
C TYR A 485 -3.17 23.73 4.84
N GLN A 486 -2.27 24.38 5.58
CA GLN A 486 -2.60 25.54 6.38
C GLN A 486 -3.99 25.38 7.02
N GLY A 487 -4.19 24.23 7.65
CA GLY A 487 -5.45 23.96 8.32
C GLY A 487 -6.39 23.02 7.63
N LYS A 488 -6.86 23.40 6.44
CA LYS A 488 -7.80 22.59 5.66
C LYS A 488 -7.31 21.16 5.45
N PRO A 489 -8.12 20.17 5.90
CA PRO A 489 -7.78 18.75 5.75
C PRO A 489 -8.50 18.13 4.55
N ILE A 490 -7.97 17.02 4.06
CA ILE A 490 -8.57 16.30 2.94
C ILE A 490 -9.80 15.56 3.45
N PRO A 491 -10.54 14.91 2.54
CA PRO A 491 -11.73 14.15 2.95
C PRO A 491 -11.16 12.85 3.55
N PRO A 492 -11.89 12.21 4.46
CA PRO A 492 -11.33 10.97 5.01
C PRO A 492 -11.31 9.91 3.92
N THR A 493 -10.14 9.59 3.39
CA THR A 493 -10.07 8.62 2.31
C THR A 493 -9.36 7.32 2.67
N LEU A 494 -10.13 6.27 2.95
CA LEU A 494 -9.56 4.97 3.25
C LEU A 494 -9.57 4.20 1.94
N VAL A 495 -8.38 3.81 1.48
CA VAL A 495 -8.27 3.04 0.25
C VAL A 495 -8.11 1.56 0.61
N VAL A 496 -9.01 0.74 0.08
CA VAL A 496 -9.02 -0.69 0.34
C VAL A 496 -8.42 -1.53 -0.78
N GLY A 497 -7.45 -2.37 -0.41
CA GLY A 497 -6.83 -3.27 -1.38
C GLY A 497 -7.29 -4.66 -1.02
N MET A 498 -7.98 -5.31 -1.95
CA MET A 498 -8.49 -6.65 -1.68
C MET A 498 -7.86 -7.74 -2.54
N LEU A 499 -7.53 -8.85 -1.88
CA LEU A 499 -6.91 -9.97 -2.53
C LEU A 499 -7.90 -11.13 -2.52
N GLY A 500 -8.03 -11.80 -3.67
CA GLY A 500 -8.95 -12.91 -3.78
C GLY A 500 -8.37 -14.12 -4.50
N LYS A 501 -9.01 -15.27 -4.29
CA LYS A 501 -8.60 -16.53 -4.90
C LYS A 501 -9.58 -16.91 -6.02
N VAL A 502 -9.07 -17.28 -7.19
CA VAL A 502 -9.94 -17.62 -8.30
C VAL A 502 -9.29 -18.54 -9.32
N ASN A 503 -10.07 -19.43 -9.90
CA ASN A 503 -9.54 -20.35 -10.90
C ASN A 503 -9.59 -19.61 -12.23
N PRO A 504 -8.43 -19.37 -12.86
CA PRO A 504 -8.53 -18.66 -14.13
C PRO A 504 -9.30 -19.37 -15.25
N GLN A 505 -9.49 -20.68 -15.13
CA GLN A 505 -10.22 -21.41 -16.16
C GLN A 505 -11.72 -21.17 -16.06
N LYS A 506 -12.14 -20.59 -14.94
CA LYS A 506 -13.55 -20.33 -14.69
C LYS A 506 -13.96 -18.85 -14.71
N VAL A 507 -13.07 -17.98 -15.16
CA VAL A 507 -13.34 -16.54 -15.23
C VAL A 507 -14.07 -16.21 -16.54
N ALA A 508 -15.27 -15.66 -16.43
CA ALA A 508 -16.07 -15.31 -17.59
C ALA A 508 -15.59 -14.10 -18.40
N LYS A 509 -15.88 -14.14 -19.69
CA LYS A 509 -15.50 -13.08 -20.61
C LYS A 509 -16.77 -12.59 -21.32
N PRO A 510 -16.74 -11.40 -21.91
CA PRO A 510 -17.88 -10.80 -22.62
C PRO A 510 -18.25 -11.56 -23.91
N LYS A 511 -19.54 -11.55 -24.25
CA LYS A 511 -20.04 -12.20 -25.48
C LYS A 511 -21.44 -11.66 -25.74
N PRO A 512 -21.91 -11.73 -27.00
CA PRO A 512 -23.26 -11.24 -27.31
C PRO A 512 -24.26 -11.79 -26.29
N SER A 513 -25.01 -10.90 -25.64
CA SER A 513 -25.95 -11.34 -24.62
C SER A 513 -26.92 -10.26 -24.16
N LYS A 514 -27.85 -10.66 -23.29
CA LYS A 514 -28.83 -9.74 -22.73
C LYS A 514 -28.27 -9.18 -21.42
N VAL A 515 -28.49 -7.90 -21.15
CA VAL A 515 -28.00 -7.28 -19.93
C VAL A 515 -29.12 -7.13 -18.92
N PHE A 516 -28.78 -7.31 -17.65
CA PHE A 516 -29.78 -7.22 -16.59
C PHE A 516 -29.28 -6.43 -15.41
N ALA A 517 -30.16 -5.58 -14.89
CA ALA A 517 -29.80 -4.80 -13.71
C ALA A 517 -30.24 -5.75 -12.60
N VAL A 518 -29.30 -6.15 -11.76
CA VAL A 518 -29.58 -7.09 -10.68
C VAL A 518 -29.27 -6.50 -9.31
N GLY A 519 -30.32 -6.34 -8.51
CA GLY A 519 -30.17 -5.78 -7.17
C GLY A 519 -31.17 -4.69 -6.85
N TRP A 520 -30.82 -3.82 -5.91
CA TRP A 520 -31.68 -2.73 -5.49
C TRP A 520 -31.00 -1.40 -5.80
N ASN A 521 -31.77 -0.32 -5.90
CA ASN A 521 -31.21 0.98 -6.21
C ASN A 521 -30.74 1.76 -4.99
N ASP A 522 -31.05 1.24 -3.81
CA ASP A 522 -30.66 1.88 -2.55
C ASP A 522 -29.91 0.91 -1.61
N PHE A 523 -29.25 1.44 -0.59
CA PHE A 523 -28.46 0.60 0.32
C PHE A 523 -29.07 0.29 1.69
N GLU A 524 -28.90 -0.97 2.11
CA GLU A 524 -29.37 -1.48 3.40
C GLU A 524 -28.40 -2.58 3.78
N LEU A 525 -27.64 -2.36 4.86
CA LEU A 525 -26.64 -3.32 5.31
C LEU A 525 -27.10 -4.78 5.34
N GLU A 526 -28.20 -5.04 6.03
CA GLU A 526 -28.76 -6.38 6.17
C GLU A 526 -28.74 -7.21 4.89
N ARG A 527 -29.37 -6.69 3.84
CA ARG A 527 -29.47 -7.41 2.58
C ARG A 527 -28.23 -7.39 1.69
N GLU A 528 -27.12 -6.88 2.22
CA GLU A 528 -25.88 -6.85 1.45
C GLU A 528 -25.44 -8.30 1.17
N LYS A 529 -25.53 -9.16 2.18
CA LYS A 529 -25.11 -10.55 2.02
C LYS A 529 -26.02 -11.32 1.07
N GLU A 530 -27.15 -10.72 0.74
CA GLU A 530 -28.12 -11.31 -0.18
C GLU A 530 -27.73 -11.05 -1.61
N LEU A 531 -27.03 -9.95 -1.86
CA LEU A 531 -26.54 -9.62 -3.19
C LEU A 531 -25.32 -10.52 -3.44
N TRP A 532 -24.46 -10.63 -2.42
CA TRP A 532 -23.27 -11.47 -2.49
C TRP A 532 -23.59 -12.90 -2.90
N ARG A 533 -24.66 -13.43 -2.32
CA ARG A 533 -25.07 -14.77 -2.62
C ARG A 533 -25.58 -14.85 -4.06
N ALA A 534 -26.21 -13.79 -4.56
CA ALA A 534 -26.72 -13.79 -5.93
C ALA A 534 -25.61 -13.70 -6.97
N ILE A 535 -24.55 -12.96 -6.64
CA ILE A 535 -23.39 -12.81 -7.53
C ILE A 535 -22.66 -14.16 -7.64
N ARG A 536 -22.50 -14.85 -6.52
CA ARG A 536 -21.83 -16.15 -6.50
C ARG A 536 -22.58 -17.15 -7.37
N LYS A 537 -23.90 -17.12 -7.27
CA LYS A 537 -24.73 -18.03 -8.03
C LYS A 537 -24.60 -17.80 -9.54
N LEU A 538 -24.83 -16.55 -9.95
CA LEU A 538 -24.75 -16.18 -11.36
C LEU A 538 -23.34 -16.32 -11.91
N SER A 539 -22.35 -15.93 -11.11
CA SER A 539 -20.96 -16.01 -11.53
C SER A 539 -20.61 -17.46 -11.77
N GLU A 540 -21.14 -18.32 -10.89
CA GLU A 540 -20.90 -19.75 -10.98
C GLU A 540 -21.60 -20.35 -12.20
N GLU A 541 -22.66 -19.70 -12.67
CA GLU A 541 -23.37 -20.23 -13.82
C GLU A 541 -22.70 -19.87 -15.12
N GLY A 542 -21.74 -18.96 -15.06
CA GLY A 542 -21.04 -18.55 -16.26
C GLY A 542 -21.27 -17.09 -16.63
N ALA A 543 -22.11 -16.41 -15.86
CA ALA A 543 -22.44 -15.02 -16.14
C ALA A 543 -21.31 -14.02 -15.95
N PHE A 544 -21.26 -13.05 -16.84
CA PHE A 544 -20.27 -12.00 -16.79
C PHE A 544 -20.92 -10.86 -15.98
N ILE A 545 -20.35 -10.57 -14.81
CA ILE A 545 -20.89 -9.54 -13.93
C ILE A 545 -20.01 -8.29 -13.83
N LEU A 546 -20.66 -7.15 -13.72
CA LEU A 546 -19.99 -5.86 -13.60
C LEU A 546 -20.52 -5.14 -12.35
N SER A 547 -19.61 -4.85 -11.42
CA SER A 547 -19.97 -4.18 -10.18
C SER A 547 -19.35 -2.79 -10.01
N SER A 548 -19.92 -1.79 -10.66
CA SER A 548 -19.43 -0.41 -10.57
C SER A 548 -20.39 0.41 -9.73
N SER A 549 -19.90 1.51 -9.18
CA SER A 549 -20.74 2.39 -8.36
C SER A 549 -21.56 3.27 -9.28
N GLN A 550 -21.20 3.27 -10.57
CA GLN A 550 -21.91 4.05 -11.58
C GLN A 550 -22.64 3.11 -12.54
N LEU A 551 -22.54 1.82 -12.27
CA LEU A 551 -23.15 0.78 -13.09
C LEU A 551 -22.39 0.60 -14.40
N LEU A 552 -22.29 1.66 -15.17
CA LEU A 552 -21.59 1.62 -16.45
C LEU A 552 -20.77 2.89 -16.65
N THR A 553 -19.49 2.73 -16.94
CA THR A 553 -18.60 3.87 -17.16
C THR A 553 -17.99 3.85 -18.56
N ARG A 554 -17.44 4.99 -18.98
CA ARG A 554 -16.83 5.09 -20.28
C ARG A 554 -15.82 3.96 -20.56
N THR A 555 -14.93 3.72 -19.61
CA THR A 555 -13.91 2.68 -19.75
C THR A 555 -14.54 1.32 -20.08
N HIS A 556 -15.60 0.95 -19.35
CA HIS A 556 -16.29 -0.30 -19.60
C HIS A 556 -16.64 -0.40 -21.09
N VAL A 557 -17.20 0.67 -21.64
CA VAL A 557 -17.57 0.68 -23.05
C VAL A 557 -16.32 0.62 -23.94
N GLU A 558 -15.27 1.34 -23.55
CA GLU A 558 -14.04 1.32 -24.33
C GLU A 558 -13.59 -0.13 -24.35
N THR A 559 -13.41 -0.70 -23.16
CA THR A 559 -12.97 -2.07 -23.03
C THR A 559 -13.89 -3.04 -23.77
N PHE A 560 -15.18 -2.72 -23.83
CA PHE A 560 -16.13 -3.58 -24.53
C PHE A 560 -15.82 -3.65 -26.02
N ARG A 561 -15.29 -2.56 -26.57
CA ARG A 561 -14.98 -2.53 -27.98
C ARG A 561 -13.77 -3.40 -28.34
N GLU A 562 -12.97 -3.76 -27.34
CA GLU A 562 -11.81 -4.62 -27.58
C GLU A 562 -12.34 -5.96 -28.11
N TYR A 563 -13.60 -6.23 -27.79
CA TYR A 563 -14.26 -7.45 -28.19
C TYR A 563 -15.18 -7.24 -29.37
N GLY A 564 -15.17 -6.03 -29.91
CA GLY A 564 -16.04 -5.72 -31.03
C GLY A 564 -17.48 -5.78 -30.59
N LEU A 565 -17.70 -5.59 -29.29
CA LEU A 565 -19.05 -5.62 -28.71
C LEU A 565 -19.51 -4.21 -28.36
N LYS A 566 -20.81 -3.98 -28.50
CA LYS A 566 -21.38 -2.67 -28.23
C LYS A 566 -22.69 -2.80 -27.43
N ILE A 567 -22.70 -2.22 -26.24
CA ILE A 567 -23.85 -2.27 -25.35
C ILE A 567 -24.90 -1.18 -25.56
N GLU A 568 -26.15 -1.60 -25.45
CA GLU A 568 -27.29 -0.72 -25.55
C GLU A 568 -28.12 -1.12 -24.34
N VAL A 569 -28.11 -0.28 -23.30
CA VAL A 569 -28.86 -0.55 -22.08
C VAL A 569 -29.58 0.70 -21.56
N LYS A 570 -30.71 0.50 -20.89
CA LYS A 570 -31.49 1.59 -20.33
C LYS A 570 -31.21 1.68 -18.83
N LEU A 571 -29.95 1.93 -18.46
CA LEU A 571 -29.53 2.01 -17.06
C LEU A 571 -30.58 2.52 -16.08
N PRO A 572 -30.67 1.89 -14.90
CA PRO A 572 -31.63 2.31 -13.88
C PRO A 572 -31.11 3.52 -13.10
N GLU A 573 -32.01 4.36 -12.62
CA GLU A 573 -31.65 5.54 -11.83
C GLU A 573 -31.15 5.00 -10.49
N VAL A 574 -29.95 5.43 -10.08
CA VAL A 574 -29.37 4.90 -8.85
C VAL A 574 -28.98 5.95 -7.81
N ARG A 575 -29.12 5.59 -6.53
CA ARG A 575 -28.74 6.48 -5.43
C ARG A 575 -27.20 6.50 -5.25
N PRO A 576 -26.67 7.50 -4.53
CA PRO A 576 -25.22 7.56 -4.32
C PRO A 576 -24.59 6.25 -3.80
N ALA A 577 -25.35 5.52 -3.00
CA ALA A 577 -24.90 4.23 -2.47
C ALA A 577 -26.05 3.25 -2.70
N HIS A 578 -25.88 2.39 -3.69
CA HIS A 578 -26.89 1.41 -4.03
C HIS A 578 -26.37 0.02 -3.77
N GLN A 579 -27.18 -0.98 -4.13
CA GLN A 579 -26.83 -2.37 -3.95
C GLN A 579 -27.16 -3.07 -5.26
N MET A 580 -26.59 -2.57 -6.35
CA MET A 580 -26.86 -3.13 -7.65
C MET A 580 -25.62 -3.39 -8.50
N VAL A 581 -25.72 -4.39 -9.38
CA VAL A 581 -24.64 -4.77 -10.29
C VAL A 581 -25.29 -5.11 -11.64
N LEU A 582 -24.50 -5.11 -12.71
CA LEU A 582 -25.05 -5.43 -14.03
C LEU A 582 -24.65 -6.83 -14.48
N VAL A 583 -25.62 -7.67 -14.80
CA VAL A 583 -25.33 -9.04 -15.22
C VAL A 583 -25.51 -9.28 -16.71
N PHE A 584 -24.54 -9.97 -17.31
CA PHE A 584 -24.60 -10.27 -18.75
C PHE A 584 -24.67 -11.76 -19.03
N SER A 585 -25.83 -12.23 -19.48
CA SER A 585 -26.03 -13.65 -19.80
C SER A 585 -27.02 -13.91 -20.95
N GLU A 586 -27.16 -15.20 -21.30
CA GLU A 586 -28.04 -15.62 -22.38
C GLU A 586 -29.51 -15.63 -21.93
N ARG A 587 -29.77 -16.21 -20.76
CA ARG A 587 -31.14 -16.26 -20.25
C ARG A 587 -31.31 -15.33 -19.07
N THR A 588 -32.56 -15.09 -18.67
CA THR A 588 -32.82 -14.21 -17.54
C THR A 588 -32.32 -14.82 -16.23
N PRO A 589 -31.55 -14.06 -15.46
CA PRO A 589 -31.05 -14.62 -14.19
C PRO A 589 -32.19 -15.01 -13.24
N VAL A 590 -31.91 -16.03 -12.43
CA VAL A 590 -32.86 -16.56 -11.46
C VAL A 590 -32.23 -16.45 -10.07
N VAL A 591 -32.64 -15.45 -9.30
CA VAL A 591 -32.09 -15.26 -7.97
C VAL A 591 -33.12 -14.70 -6.98
N ASP A 592 -32.78 -14.74 -5.69
CA ASP A 592 -33.67 -14.25 -4.64
C ASP A 592 -33.49 -12.75 -4.47
N VAL A 593 -33.25 -12.09 -5.60
CA VAL A 593 -33.02 -10.64 -5.63
C VAL A 593 -33.71 -10.09 -6.88
N PRO A 594 -34.06 -8.79 -6.88
CA PRO A 594 -34.71 -8.21 -8.06
C PRO A 594 -33.87 -8.29 -9.33
N VAL A 595 -34.52 -8.61 -10.46
CA VAL A 595 -33.86 -8.69 -11.77
C VAL A 595 -34.71 -7.99 -12.83
N LYS A 596 -34.07 -7.15 -13.63
CA LYS A 596 -34.76 -6.43 -14.70
C LYS A 596 -33.95 -6.39 -16.00
N GLU A 597 -34.55 -6.81 -17.11
CA GLU A 597 -33.86 -6.79 -18.39
C GLU A 597 -33.85 -5.33 -18.82
N ILE A 598 -32.65 -4.75 -18.93
CA ILE A 598 -32.54 -3.35 -19.31
C ILE A 598 -31.81 -3.08 -20.62
N GLY A 599 -31.19 -4.11 -21.18
CA GLY A 599 -30.49 -3.89 -22.43
C GLY A 599 -29.92 -5.11 -23.14
N THR A 600 -28.90 -4.85 -23.96
CA THR A 600 -28.25 -5.89 -24.76
C THR A 600 -26.81 -5.56 -25.15
N LEU A 601 -26.00 -6.59 -25.25
CA LEU A 601 -24.60 -6.49 -25.66
C LEU A 601 -24.51 -7.35 -26.93
N SER A 602 -23.91 -6.82 -28.00
CA SER A 602 -23.87 -7.62 -29.21
C SER A 602 -22.82 -7.28 -30.27
N ARG A 603 -22.68 -8.22 -31.21
CA ARG A 603 -21.78 -8.10 -32.35
C ARG A 603 -20.30 -8.09 -32.03
#